data_1R55
#
_entry.id   1R55
#
_cell.length_a   57.99
_cell.length_b   65.205
_cell.length_c   99.679
_cell.angle_alpha   90
_cell.angle_beta   90
_cell.angle_gamma   90
#
_symmetry.space_group_name_H-M   'C 2 2 21'
#
loop_
_entity.id
_entity.type
_entity.pdbx_description
1 polymer 'ADAM 33'
2 branched alpha-D-mannopyranose-(1-3)-[alpha-D-mannopyranose-(1-6)]alpha-D-mannopyranose-(1-4)-2-acetamido-2-deoxy-beta-D-glucopyranose-(1-4)-2-acetamido-2-deoxy-beta-D-glucopyranose
3 non-polymer 'ZINC ION'
4 non-polymer 'CALCIUM ION'
5 non-polymer 'CHLORIDE ION'
6 non-polymer (2S,3R)-N~4~-[(1S)-2,2-dimethyl-1-(methylcarbamoyl)propyl]-N~1~,2-dihydroxy-3-(2-methylpropyl)butanediamide
7 water water
#
_entity_poly.entity_id   1
_entity_poly.type   'polypeptide(L)'
_entity_poly.pdbx_seq_one_letter_code
;EARRTRKYLELYIVADHTLFLTRHRNLQHTKQRLLEVANYVDQLLRTLDIQVALTGLEVWTERDRSRVTQDANATLWAFL
QWRRGLWAQRPHDSAQLLTGRAFQGATVGLAPVEGMCRAESSGGVSTDHSELPIGAAATMAHEIGHSLGLSHDPDGCCVE
AAAESGGCVMAAATGHPFPRVFSACSRRQLRAFFRKGGGACLSNAPSGHHHHHH
;
_entity_poly.pdbx_strand_id   A
#
# COMPACT_ATOMS: atom_id res chain seq x y z
N THR A 5 -9.90 13.41 17.81
CA THR A 5 -9.98 13.03 16.38
C THR A 5 -8.70 12.36 15.89
N ARG A 6 -8.68 11.02 15.92
CA ARG A 6 -7.53 10.27 15.48
C ARG A 6 -7.87 9.49 14.21
N LYS A 7 -6.87 9.25 13.35
CA LYS A 7 -7.11 8.52 12.11
C LYS A 7 -6.54 7.10 12.14
N TYR A 8 -7.35 6.14 11.67
CA TYR A 8 -6.95 4.74 11.61
C TYR A 8 -7.25 4.17 10.23
N LEU A 9 -6.31 3.38 9.72
CA LEU A 9 -6.50 2.75 8.41
C LEU A 9 -6.67 1.26 8.60
N GLU A 10 -7.85 0.74 8.28
CA GLU A 10 -8.10 -0.68 8.40
C GLU A 10 -7.63 -1.29 7.09
N LEU A 11 -6.48 -1.96 7.17
CA LEU A 11 -5.81 -2.55 6.02
C LEU A 11 -6.00 -4.05 5.87
N TYR A 12 -6.29 -4.48 4.64
CA TYR A 12 -6.43 -5.89 4.32
C TYR A 12 -5.31 -6.14 3.31
N ILE A 13 -4.46 -7.11 3.58
CA ILE A 13 -3.34 -7.39 2.69
C ILE A 13 -3.44 -8.80 2.07
N VAL A 14 -3.15 -8.88 0.78
CA VAL A 14 -3.21 -10.14 0.04
C VAL A 14 -1.89 -10.50 -0.62
N ALA A 15 -1.49 -11.77 -0.50
CA ALA A 15 -0.27 -12.26 -1.14
C ALA A 15 -0.76 -13.11 -2.30
N ASP A 16 -0.28 -12.85 -3.51
CA ASP A 16 -0.76 -13.63 -4.64
C ASP A 16 -0.07 -14.98 -4.74
N HIS A 17 -0.52 -15.79 -5.68
CA HIS A 17 0.02 -17.14 -5.85
C HIS A 17 1.52 -17.14 -6.18
N THR A 18 1.95 -16.21 -7.02
CA THR A 18 3.35 -16.14 -7.39
C THR A 18 4.23 -15.87 -6.16
N LEU A 19 3.79 -14.98 -5.29
CA LEU A 19 4.54 -14.67 -4.07
C LEU A 19 4.64 -15.94 -3.23
N PHE A 20 3.52 -16.67 -3.13
CA PHE A 20 3.46 -17.91 -2.36
C PHE A 20 4.50 -18.89 -2.90
N LEU A 21 4.61 -18.97 -4.23
CA LEU A 21 5.58 -19.88 -4.86
C LEU A 21 7.02 -19.46 -4.60
N THR A 22 7.28 -18.16 -4.58
CA THR A 22 8.65 -17.68 -4.33
C THR A 22 9.01 -17.92 -2.86
N ARG A 23 7.99 -18.19 -2.06
CA ARG A 23 8.17 -18.44 -0.64
C ARG A 23 8.12 -19.95 -0.37
N HIS A 24 8.52 -20.71 -1.38
CA HIS A 24 8.56 -22.17 -1.31
C HIS A 24 7.24 -22.80 -0.86
N ARG A 25 6.12 -22.23 -1.29
CA ARG A 25 4.81 -22.75 -0.92
C ARG A 25 4.65 -22.92 0.58
N ASN A 26 5.31 -22.03 1.33
CA ASN A 26 5.26 -22.06 2.79
C ASN A 26 4.26 -21.02 3.28
N LEU A 27 3.07 -21.48 3.66
CA LEU A 27 2.02 -20.57 4.12
C LEU A 27 2.46 -19.70 5.30
N GLN A 28 3.02 -20.31 6.33
CA GLN A 28 3.45 -19.58 7.51
C GLN A 28 4.44 -18.47 7.17
N HIS A 29 5.44 -18.78 6.36
CA HIS A 29 6.43 -17.77 6.01
C HIS A 29 5.91 -16.71 5.06
N THR A 30 4.87 -17.05 4.29
CA THR A 30 4.29 -16.07 3.38
C THR A 30 3.48 -15.10 4.23
N LYS A 31 2.76 -15.64 5.21
CA LYS A 31 1.97 -14.79 6.10
C LYS A 31 2.90 -13.88 6.90
N GLN A 32 4.04 -14.41 7.32
CA GLN A 32 5.01 -13.63 8.09
C GLN A 32 5.53 -12.47 7.27
N ARG A 33 5.75 -12.69 5.98
CA ARG A 33 6.24 -11.63 5.10
C ARG A 33 5.20 -10.51 5.05
N LEU A 34 3.94 -10.89 4.94
CA LEU A 34 2.85 -9.91 4.90
C LEU A 34 2.78 -9.12 6.21
N LEU A 35 2.99 -9.82 7.32
CA LEU A 35 2.94 -9.18 8.63
C LEU A 35 4.04 -8.16 8.78
N GLU A 36 5.23 -8.50 8.32
CA GLU A 36 6.35 -7.58 8.44
C GLU A 36 6.22 -6.40 7.49
N VAL A 37 5.62 -6.62 6.32
CA VAL A 37 5.42 -5.52 5.39
C VAL A 37 4.35 -4.60 5.98
N ALA A 38 3.31 -5.17 6.55
CA ALA A 38 2.25 -4.37 7.16
C ALA A 38 2.78 -3.55 8.35
N ASN A 39 3.74 -4.10 9.08
CA ASN A 39 4.33 -3.41 10.22
C ASN A 39 5.07 -2.17 9.73
N TYR A 40 5.81 -2.31 8.63
CA TYR A 40 6.54 -1.16 8.09
C TYR A 40 5.58 -0.12 7.52
N VAL A 41 4.47 -0.58 6.94
CA VAL A 41 3.50 0.37 6.39
C VAL A 41 2.95 1.20 7.55
N ASP A 42 2.71 0.55 8.69
CA ASP A 42 2.21 1.24 9.88
C ASP A 42 3.24 2.29 10.32
N GLN A 43 4.52 1.90 10.38
CA GLN A 43 5.56 2.84 10.79
C GLN A 43 5.59 4.06 9.88
N LEU A 44 5.54 3.83 8.56
CA LEU A 44 5.57 4.92 7.61
C LEU A 44 4.33 5.82 7.69
N LEU A 45 3.15 5.22 7.77
CA LEU A 45 1.92 6.00 7.84
C LEU A 45 1.81 6.79 9.15
N ARG A 46 2.47 6.31 10.19
CA ARG A 46 2.40 7.02 11.46
C ARG A 46 3.10 8.37 11.38
N THR A 47 3.91 8.59 10.34
CA THR A 47 4.56 9.89 10.19
C THR A 47 3.55 10.87 9.57
N LEU A 48 2.34 10.37 9.30
CA LEU A 48 1.23 11.15 8.76
C LEU A 48 0.17 11.18 9.85
N ASP A 49 0.51 10.60 10.99
CA ASP A 49 -0.36 10.49 12.16
C ASP A 49 -1.55 9.58 11.86
N ILE A 50 -1.31 8.57 11.03
CA ILE A 50 -2.33 7.59 10.69
C ILE A 50 -1.81 6.24 11.19
N GLN A 51 -2.62 5.57 12.01
CA GLN A 51 -2.23 4.27 12.53
C GLN A 51 -2.87 3.19 11.69
N VAL A 52 -2.13 2.13 11.40
CA VAL A 52 -2.66 1.04 10.60
C VAL A 52 -3.17 -0.08 11.49
N ALA A 53 -4.31 -0.63 11.12
CA ALA A 53 -4.91 -1.74 11.84
C ALA A 53 -5.06 -2.84 10.80
N LEU A 54 -4.28 -3.91 10.94
CA LEU A 54 -4.35 -5.01 9.99
C LEU A 54 -5.65 -5.77 10.23
N THR A 55 -6.65 -5.46 9.41
CA THR A 55 -7.97 -6.08 9.50
C THR A 55 -8.02 -7.54 9.08
N GLY A 56 -7.38 -7.82 7.95
CA GLY A 56 -7.37 -9.17 7.43
C GLY A 56 -6.12 -9.47 6.64
N LEU A 57 -5.89 -10.75 6.42
CA LEU A 57 -4.71 -11.22 5.71
C LEU A 57 -5.14 -12.42 4.86
N GLU A 58 -4.65 -12.50 3.62
CA GLU A 58 -5.01 -13.61 2.75
C GLU A 58 -3.86 -14.02 1.83
N VAL A 59 -3.68 -15.32 1.66
CA VAL A 59 -2.65 -15.87 0.78
C VAL A 59 -3.33 -16.76 -0.24
N TRP A 60 -3.13 -16.47 -1.51
CA TRP A 60 -3.73 -17.26 -2.57
C TRP A 60 -2.87 -18.49 -2.84
N THR A 61 -3.04 -19.48 -1.96
CA THR A 61 -2.27 -20.72 -2.01
C THR A 61 -2.48 -21.64 -3.20
N GLU A 62 -3.65 -21.61 -3.84
CA GLU A 62 -3.83 -22.51 -4.97
C GLU A 62 -4.00 -21.83 -6.32
N ARG A 63 -4.63 -20.66 -6.36
CA ARG A 63 -4.81 -19.94 -7.62
C ARG A 63 -5.08 -18.48 -7.33
N ASP A 64 -4.68 -17.60 -8.25
CA ASP A 64 -4.94 -16.19 -8.07
C ASP A 64 -6.45 -15.99 -8.18
N ARG A 65 -7.01 -15.13 -7.34
CA ARG A 65 -8.44 -14.88 -7.37
C ARG A 65 -8.79 -13.77 -8.35
N SER A 66 -7.78 -13.00 -8.74
CA SER A 66 -7.93 -11.95 -9.74
C SER A 66 -6.72 -12.12 -10.65
N ARG A 67 -6.90 -11.79 -11.93
CA ARG A 67 -5.82 -11.95 -12.91
C ARG A 67 -4.62 -11.04 -12.69
N VAL A 68 -3.45 -11.66 -12.50
CA VAL A 68 -2.21 -10.92 -12.28
C VAL A 68 -1.31 -11.11 -13.50
N THR A 69 -1.01 -10.03 -14.20
CA THR A 69 -0.17 -10.10 -15.39
C THR A 69 0.97 -9.08 -15.33
N GLN A 70 1.72 -8.97 -16.42
CA GLN A 70 2.84 -8.05 -16.49
C GLN A 70 2.34 -6.60 -16.58
N ASP A 71 1.05 -6.44 -16.87
CA ASP A 71 0.43 -5.13 -16.99
C ASP A 71 0.02 -4.69 -15.59
N ALA A 72 0.75 -3.75 -15.02
CA ALA A 72 0.46 -3.27 -13.66
C ALA A 72 -0.95 -2.70 -13.54
N ASN A 73 -1.36 -1.90 -14.50
CA ASN A 73 -2.69 -1.29 -14.47
C ASN A 73 -3.80 -2.32 -14.59
N ALA A 74 -3.65 -3.26 -15.52
CA ALA A 74 -4.66 -4.29 -15.69
C ALA A 74 -4.78 -5.09 -14.40
N THR A 75 -3.64 -5.38 -13.79
CA THR A 75 -3.60 -6.13 -12.55
C THR A 75 -4.29 -5.37 -11.42
N LEU A 76 -4.02 -4.08 -11.34
CA LEU A 76 -4.62 -3.22 -10.32
C LEU A 76 -6.14 -3.24 -10.40
N TRP A 77 -6.69 -3.00 -11.58
CA TRP A 77 -8.14 -2.98 -11.70
C TRP A 77 -8.81 -4.33 -11.58
N ALA A 78 -8.11 -5.41 -11.97
CA ALA A 78 -8.68 -6.73 -11.82
C ALA A 78 -8.79 -6.99 -10.32
N PHE A 79 -7.77 -6.56 -9.57
CA PHE A 79 -7.76 -6.74 -8.12
C PHE A 79 -8.88 -5.94 -7.46
N LEU A 80 -9.06 -4.69 -7.88
CA LEU A 80 -10.09 -3.83 -7.33
C LEU A 80 -11.49 -4.40 -7.53
N GLN A 81 -11.71 -5.06 -8.66
CA GLN A 81 -13.02 -5.66 -8.92
C GLN A 81 -13.24 -6.81 -7.95
N TRP A 82 -12.19 -7.61 -7.74
CA TRP A 82 -12.28 -8.73 -6.82
C TRP A 82 -12.51 -8.21 -5.40
N ARG A 83 -11.86 -7.09 -5.08
CA ARG A 83 -11.96 -6.49 -3.75
C ARG A 83 -13.38 -6.15 -3.33
N ARG A 84 -14.24 -5.86 -4.30
CA ARG A 84 -15.63 -5.53 -3.98
C ARG A 84 -16.31 -6.67 -3.24
N GLY A 85 -16.16 -7.88 -3.76
CA GLY A 85 -16.76 -9.04 -3.12
C GLY A 85 -16.11 -9.33 -1.78
N LEU A 86 -14.81 -9.09 -1.70
CA LEU A 86 -14.08 -9.32 -0.46
C LEU A 86 -14.64 -8.40 0.62
N TRP A 87 -14.79 -7.13 0.27
CA TRP A 87 -15.28 -6.11 1.19
C TRP A 87 -16.63 -6.46 1.82
N ALA A 88 -17.52 -7.06 1.03
CA ALA A 88 -18.84 -7.42 1.54
C ALA A 88 -18.77 -8.43 2.67
N GLN A 89 -17.76 -9.30 2.63
CA GLN A 89 -17.60 -10.32 3.67
C GLN A 89 -16.61 -9.88 4.74
N ARG A 90 -15.57 -9.17 4.33
CA ARG A 90 -14.55 -8.71 5.27
C ARG A 90 -14.24 -7.23 5.09
N PRO A 91 -15.05 -6.37 5.72
CA PRO A 91 -14.91 -4.90 5.67
C PRO A 91 -13.51 -4.44 6.01
N HIS A 92 -13.07 -3.39 5.33
CA HIS A 92 -11.76 -2.80 5.52
C HIS A 92 -11.78 -1.45 4.80
N ASP A 93 -10.75 -0.64 4.99
CA ASP A 93 -10.69 0.66 4.33
C ASP A 93 -9.92 0.59 3.02
N SER A 94 -8.84 -0.19 3.01
CA SER A 94 -7.99 -0.33 1.83
C SER A 94 -7.45 -1.76 1.71
N ALA A 95 -7.48 -2.32 0.51
CA ALA A 95 -6.95 -3.65 0.29
C ALA A 95 -5.72 -3.50 -0.58
N GLN A 96 -4.65 -4.17 -0.20
CA GLN A 96 -3.40 -4.08 -0.94
C GLN A 96 -2.91 -5.44 -1.37
N LEU A 97 -2.60 -5.56 -2.66
CA LEU A 97 -2.09 -6.82 -3.21
C LEU A 97 -0.57 -6.75 -3.23
N LEU A 98 0.08 -7.78 -2.70
CA LEU A 98 1.54 -7.86 -2.72
C LEU A 98 1.82 -9.02 -3.67
N THR A 99 2.38 -8.72 -4.83
CA THR A 99 2.63 -9.73 -5.85
C THR A 99 4.10 -10.10 -6.06
N GLY A 100 4.31 -11.36 -6.43
CA GLY A 100 5.64 -11.83 -6.72
C GLY A 100 5.93 -11.63 -8.19
N ARG A 101 4.95 -11.10 -8.92
CA ARG A 101 5.12 -10.84 -10.36
C ARG A 101 5.81 -9.51 -10.62
N ALA A 102 6.66 -9.48 -11.64
CA ALA A 102 7.37 -8.27 -12.02
C ALA A 102 6.56 -7.61 -13.15
N PHE A 103 6.35 -6.31 -13.05
CA PHE A 103 5.60 -5.60 -14.07
C PHE A 103 6.47 -4.99 -15.16
N GLN A 104 5.89 -4.83 -16.33
CA GLN A 104 6.59 -4.25 -17.46
C GLN A 104 6.77 -2.75 -17.18
N GLY A 105 7.85 -2.17 -17.71
CA GLY A 105 8.10 -0.76 -17.50
C GLY A 105 8.77 -0.39 -16.18
N ALA A 106 9.28 -1.40 -15.48
CA ALA A 106 9.95 -1.20 -14.19
C ALA A 106 9.02 -0.66 -13.10
N THR A 107 7.71 -0.67 -13.37
CA THR A 107 6.74 -0.19 -12.40
C THR A 107 6.67 -1.20 -11.25
N VAL A 108 6.71 -0.69 -10.02
CA VAL A 108 6.64 -1.58 -8.86
C VAL A 108 5.33 -1.45 -8.07
N GLY A 109 4.53 -0.44 -8.39
CA GLY A 109 3.27 -0.25 -7.69
C GLY A 109 2.35 0.76 -8.36
N LEU A 110 1.05 0.62 -8.12
CA LEU A 110 0.03 1.51 -8.68
C LEU A 110 -1.19 1.59 -7.76
N ALA A 111 -1.93 2.69 -7.86
CA ALA A 111 -3.15 2.88 -7.07
C ALA A 111 -3.95 4.05 -7.63
N PRO A 112 -5.29 3.98 -7.56
CA PRO A 112 -6.12 5.07 -8.07
C PRO A 112 -5.97 6.29 -7.15
N VAL A 113 -5.83 7.47 -7.73
CA VAL A 113 -5.67 8.68 -6.92
C VAL A 113 -6.98 9.09 -6.25
N GLU A 114 -6.91 9.46 -4.97
CA GLU A 114 -8.06 9.90 -4.19
C GLU A 114 -9.20 8.88 -4.09
N GLY A 115 -8.88 7.61 -4.24
CA GLY A 115 -9.89 6.57 -4.16
C GLY A 115 -10.12 5.96 -2.79
N MET A 116 -9.47 6.49 -1.75
CA MET A 116 -9.65 5.94 -0.41
C MET A 116 -11.13 5.92 -0.01
N CYS A 117 -11.58 4.75 0.46
CA CYS A 117 -12.95 4.52 0.89
C CYS A 117 -13.94 4.31 -0.26
N ARG A 118 -13.53 4.58 -1.49
CA ARG A 118 -14.42 4.40 -2.64
C ARG A 118 -14.59 2.92 -2.96
N ALA A 119 -15.84 2.49 -3.14
CA ALA A 119 -16.13 1.09 -3.43
C ALA A 119 -15.38 0.52 -4.62
N GLU A 120 -15.20 1.31 -5.66
CA GLU A 120 -14.54 0.83 -6.86
C GLU A 120 -13.03 1.03 -6.93
N SER A 121 -12.45 1.75 -5.98
CA SER A 121 -11.02 2.02 -6.09
C SER A 121 -10.16 2.11 -4.84
N SER A 122 -10.66 1.65 -3.69
CA SER A 122 -9.86 1.74 -2.47
C SER A 122 -8.87 0.58 -2.32
N GLY A 123 -7.84 0.58 -3.15
CA GLY A 123 -6.85 -0.47 -3.08
C GLY A 123 -5.63 -0.11 -3.89
N GLY A 124 -4.67 -1.03 -3.92
CA GLY A 124 -3.45 -0.81 -4.67
C GLY A 124 -2.71 -2.11 -4.87
N VAL A 125 -1.67 -2.09 -5.70
CA VAL A 125 -0.87 -3.28 -5.96
C VAL A 125 0.61 -2.92 -5.85
N SER A 126 1.40 -3.84 -5.32
CA SER A 126 2.84 -3.63 -5.14
C SER A 126 3.60 -4.92 -5.38
N THR A 127 4.73 -4.82 -6.06
CA THR A 127 5.56 -6.00 -6.31
C THR A 127 6.50 -6.12 -5.11
N ASP A 128 6.77 -7.35 -4.66
CA ASP A 128 7.69 -7.54 -3.53
C ASP A 128 9.04 -7.61 -4.23
N HIS A 129 9.59 -6.44 -4.52
CA HIS A 129 10.83 -6.29 -5.27
C HIS A 129 12.17 -6.34 -4.53
N SER A 130 12.16 -6.21 -3.21
CA SER A 130 13.39 -6.23 -2.44
C SER A 130 13.46 -7.39 -1.46
N GLU A 131 14.68 -7.77 -1.10
CA GLU A 131 14.88 -8.85 -0.15
C GLU A 131 14.36 -8.31 1.18
N LEU A 132 14.47 -6.99 1.35
CA LEU A 132 14.03 -6.31 2.58
C LEU A 132 12.53 -6.00 2.57
N PRO A 133 11.83 -6.33 3.67
CA PRO A 133 10.39 -6.06 3.73
C PRO A 133 10.06 -4.57 3.59
N ILE A 134 10.97 -3.70 4.01
CA ILE A 134 10.71 -2.27 3.92
C ILE A 134 10.59 -1.78 2.48
N GLY A 135 11.17 -2.53 1.54
CA GLY A 135 11.07 -2.15 0.14
C GLY A 135 9.61 -2.17 -0.30
N ALA A 136 8.98 -3.32 -0.15
CA ALA A 136 7.58 -3.49 -0.51
C ALA A 136 6.70 -2.55 0.31
N ALA A 137 7.03 -2.37 1.58
CA ALA A 137 6.26 -1.49 2.45
C ALA A 137 6.28 -0.05 1.97
N ALA A 138 7.46 0.43 1.56
CA ALA A 138 7.56 1.80 1.09
C ALA A 138 6.73 1.98 -0.18
N THR A 139 6.68 0.95 -1.01
CA THR A 139 5.89 1.01 -2.23
C THR A 139 4.41 1.02 -1.86
N MET A 140 4.03 0.13 -0.95
CA MET A 140 2.64 0.04 -0.52
C MET A 140 2.18 1.34 0.14
N ALA A 141 3.05 1.95 0.94
CA ALA A 141 2.70 3.20 1.61
C ALA A 141 2.55 4.32 0.57
N HIS A 142 3.35 4.22 -0.49
CA HIS A 142 3.31 5.19 -1.58
C HIS A 142 1.95 5.09 -2.28
N GLU A 143 1.50 3.86 -2.55
CA GLU A 143 0.21 3.68 -3.20
C GLU A 143 -0.94 4.11 -2.29
N ILE A 144 -0.80 3.86 -0.99
CA ILE A 144 -1.83 4.28 -0.04
C ILE A 144 -1.83 5.81 -0.05
N GLY A 145 -0.65 6.39 -0.23
CA GLY A 145 -0.56 7.85 -0.28
C GLY A 145 -1.39 8.42 -1.41
N HIS A 146 -1.30 7.82 -2.59
CA HIS A 146 -2.08 8.27 -3.73
C HIS A 146 -3.57 8.13 -3.41
N SER A 147 -3.93 7.05 -2.74
CA SER A 147 -5.32 6.83 -2.37
C SER A 147 -5.81 7.95 -1.47
N LEU A 148 -4.91 8.52 -0.70
CA LEU A 148 -5.22 9.62 0.22
C LEU A 148 -5.04 10.98 -0.44
N GLY A 149 -4.96 11.00 -1.77
CA GLY A 149 -4.82 12.24 -2.51
C GLY A 149 -3.45 12.89 -2.48
N LEU A 150 -2.43 12.11 -2.13
CA LEU A 150 -1.08 12.66 -2.10
C LEU A 150 -0.44 12.54 -3.47
N SER A 151 0.26 13.59 -3.89
CA SER A 151 0.91 13.58 -5.18
C SER A 151 2.39 13.26 -4.97
N HIS A 152 3.12 13.08 -6.06
CA HIS A 152 4.54 12.82 -5.94
C HIS A 152 5.18 14.10 -5.42
N ASP A 153 6.20 13.97 -4.58
CA ASP A 153 6.88 15.12 -4.01
C ASP A 153 7.55 16.00 -5.05
N PRO A 154 7.31 17.32 -4.97
CA PRO A 154 7.92 18.27 -5.91
C PRO A 154 9.39 18.24 -5.49
N ASP A 155 10.30 18.65 -6.36
CA ASP A 155 11.71 18.61 -5.99
C ASP A 155 12.07 19.47 -4.79
N GLY A 156 11.29 20.51 -4.54
CA GLY A 156 11.56 21.38 -3.41
C GLY A 156 10.95 20.87 -2.11
N CYS A 157 10.51 19.61 -2.10
CA CYS A 157 9.91 19.00 -0.91
C CYS A 157 10.87 17.98 -0.30
N CYS A 158 10.56 17.56 0.92
CA CYS A 158 11.38 16.61 1.68
C CYS A 158 12.69 17.33 2.02
N VAL A 159 12.55 18.46 2.72
CA VAL A 159 13.69 19.27 3.15
C VAL A 159 14.71 18.32 3.71
N GLU A 160 14.31 17.53 4.70
CA GLU A 160 15.24 16.53 5.18
C GLU A 160 14.70 15.19 5.58
N ALA A 161 15.56 14.26 5.21
CA ALA A 161 15.48 12.83 5.36
C ALA A 161 16.47 12.77 4.21
N ALA A 162 17.76 12.87 4.55
CA ALA A 162 18.82 12.87 3.56
C ALA A 162 18.85 11.66 2.66
N ALA A 163 19.76 11.66 1.70
CA ALA A 163 19.91 10.56 0.75
C ALA A 163 20.09 9.24 1.49
N GLU A 164 21.05 9.21 2.40
CA GLU A 164 21.34 8.01 3.18
C GLU A 164 20.18 7.61 4.07
N SER A 165 19.25 8.54 4.32
CA SER A 165 18.10 8.27 5.17
C SER A 165 17.00 7.57 4.39
N GLY A 166 17.07 7.61 3.07
CA GLY A 166 16.04 6.99 2.24
C GLY A 166 15.08 7.96 1.61
N GLY A 167 15.12 9.22 2.05
CA GLY A 167 14.23 10.21 1.49
C GLY A 167 12.80 10.10 1.98
N CYS A 168 11.86 10.53 1.15
CA CYS A 168 10.44 10.50 1.51
C CYS A 168 9.61 9.54 0.67
N VAL A 169 8.54 9.03 1.27
CA VAL A 169 7.67 8.05 0.62
C VAL A 169 7.06 8.45 -0.72
N MET A 170 6.65 9.70 -0.88
CA MET A 170 6.05 10.09 -2.15
C MET A 170 7.01 10.45 -3.29
N ALA A 171 8.25 9.97 -3.21
CA ALA A 171 9.20 10.22 -4.29
C ALA A 171 8.67 9.42 -5.47
N ALA A 172 8.97 9.86 -6.69
CA ALA A 172 8.50 9.19 -7.90
C ALA A 172 9.25 7.90 -8.23
N ALA A 173 10.43 7.75 -7.66
CA ALA A 173 11.25 6.58 -7.89
C ALA A 173 11.65 5.98 -6.55
N THR A 174 11.86 4.67 -6.53
CA THR A 174 12.24 4.03 -5.28
C THR A 174 13.49 3.18 -5.44
N GLY A 175 14.06 2.80 -4.30
CA GLY A 175 15.27 2.00 -4.30
C GLY A 175 15.94 2.16 -2.95
N HIS A 176 16.80 1.21 -2.61
CA HIS A 176 17.50 1.26 -1.34
C HIS A 176 18.55 2.37 -1.32
N PRO A 177 18.66 3.11 -0.20
CA PRO A 177 17.88 2.98 1.04
C PRO A 177 16.44 3.48 0.86
N PHE A 178 15.51 2.74 1.43
CA PHE A 178 14.10 3.09 1.31
C PHE A 178 13.63 4.17 2.28
N PRO A 179 12.61 4.93 1.88
CA PRO A 179 12.06 6.02 2.71
C PRO A 179 11.29 5.54 3.92
N ARG A 180 11.42 6.26 5.02
CA ARG A 180 10.73 5.91 6.26
C ARG A 180 9.80 7.01 6.72
N VAL A 181 9.73 8.10 5.95
CA VAL A 181 8.87 9.22 6.33
C VAL A 181 8.20 9.90 5.16
N PHE A 182 7.10 10.58 5.45
CA PHE A 182 6.36 11.34 4.46
C PHE A 182 6.84 12.78 4.61
N SER A 183 6.99 13.47 3.49
CA SER A 183 7.44 14.87 3.49
C SER A 183 6.42 15.79 4.12
N ALA A 184 6.86 17.01 4.44
CA ALA A 184 6.00 18.02 5.01
C ALA A 184 4.95 18.40 3.98
N CYS A 185 5.33 18.35 2.71
CA CYS A 185 4.40 18.68 1.63
C CYS A 185 3.28 17.65 1.63
N SER A 186 3.63 16.39 1.86
CA SER A 186 2.64 15.33 1.91
C SER A 186 1.71 15.54 3.10
N ARG A 187 2.28 15.92 4.24
CA ARG A 187 1.47 16.15 5.43
C ARG A 187 0.42 17.22 5.14
N ARG A 188 0.85 18.32 4.53
CA ARG A 188 -0.06 19.40 4.22
C ARG A 188 -1.17 18.99 3.25
N GLN A 189 -0.81 18.18 2.24
CA GLN A 189 -1.78 17.72 1.27
C GLN A 189 -2.82 16.81 1.95
N LEU A 190 -2.35 15.98 2.88
CA LEU A 190 -3.24 15.07 3.60
C LEU A 190 -4.26 15.86 4.43
N ARG A 191 -3.79 16.87 5.16
CA ARG A 191 -4.70 17.65 5.99
C ARG A 191 -5.75 18.36 5.15
N ALA A 192 -5.37 18.82 3.96
CA ALA A 192 -6.33 19.49 3.07
C ALA A 192 -7.33 18.47 2.56
N PHE A 193 -6.84 17.27 2.23
CA PHE A 193 -7.68 16.18 1.75
C PHE A 193 -8.77 15.85 2.78
N PHE A 194 -8.37 15.68 4.03
CA PHE A 194 -9.34 15.37 5.09
C PHE A 194 -10.31 16.51 5.29
N ARG A 195 -9.80 17.74 5.32
CA ARG A 195 -10.66 18.90 5.52
C ARG A 195 -11.73 18.99 4.42
N LYS A 196 -11.32 18.71 3.18
CA LYS A 196 -12.26 18.78 2.07
C LYS A 196 -13.24 17.62 1.97
N GLY A 197 -13.14 16.67 2.89
CA GLY A 197 -14.07 15.54 2.89
C GLY A 197 -13.55 14.18 2.47
N GLY A 198 -12.28 14.10 2.09
CA GLY A 198 -11.74 12.82 1.67
C GLY A 198 -11.41 11.88 2.81
N GLY A 199 -11.34 10.58 2.50
CA GLY A 199 -10.99 9.57 3.50
C GLY A 199 -11.85 9.52 4.74
N ALA A 200 -13.15 9.69 4.57
CA ALA A 200 -14.07 9.67 5.70
C ALA A 200 -14.05 8.37 6.49
N CYS A 201 -13.70 7.27 5.83
CA CYS A 201 -13.69 5.97 6.51
C CYS A 201 -12.53 5.72 7.46
N LEU A 202 -11.59 6.66 7.54
CA LEU A 202 -10.45 6.51 8.45
C LEU A 202 -10.76 7.07 9.84
N SER A 203 -12.01 7.46 10.07
CA SER A 203 -12.39 8.03 11.36
C SER A 203 -12.67 7.07 12.51
N ASN A 204 -12.97 5.80 12.21
CA ASN A 204 -13.28 4.86 13.27
C ASN A 204 -12.09 4.09 13.83
N ALA A 205 -12.06 3.96 15.15
CA ALA A 205 -11.01 3.21 15.82
C ALA A 205 -11.42 1.74 15.72
N PRO A 206 -10.56 0.90 15.13
CA PRO A 206 -10.88 -0.52 14.97
C PRO A 206 -11.32 -1.20 16.27
N SER A 207 -12.28 -2.11 16.16
CA SER A 207 -12.79 -2.83 17.32
C SER A 207 -11.79 -3.89 17.78
#